data_4P0D
#
_entry.id   4P0D
#
_cell.length_a   104.240
_cell.length_b   104.240
_cell.length_c   84.220
_cell.angle_alpha   90.000
_cell.angle_beta   90.000
_cell.angle_gamma   120.000
#
_symmetry.space_group_name_H-M   'P 63'
#
loop_
_entity.id
_entity.type
_entity.pdbx_description
1 polymer 'Trypsin-resistant surface T6 protein'
2 non-polymer 'IODIDE ION'
3 non-polymer 'CALCIUM ION'
4 water water
#
_entity_poly.entity_id   1
_entity_poly.type   'polypeptide(L)'
_entity_poly.pdbx_seq_one_letter_code
;SLSKDDTAQLKITNIEGGPTVTLYKIGEGVYNTNGDSFINFKYAEGVSLTETGPTSQEITTIANGINTGKIKPFSTENVS
ISNGTATYNARGASVYIALLTGATDGRTYNPILLAASYNGEGNLVTKNIDSKSNYLYGQTSVAKSSLPSITKKVTGTIDD
VNKKTTSLGSVLSYSLTFELPSYTKEAVNKTVYVSDNMSEGLTFNFNSLTVEWKGKMANITEDGSVMVENTKIGIAKEVN
NGFNLSFIYDSLESISPNISYKAVVNNKAIVGGEGNPNKAEFFYSNNPTKGNTYDNLDKKPDKGNGITSKEDSKIVYTYQ
IAFRKVDSVSKTPLIGAIFGVYDTSNKLIDIVTTNKNGYAISTQVSSGKYKIKELKAPKGYSLNTETYEITANWVTATVK
TSANSKSTTYTSDKNKATDNSEQVGWLKNGIFYSIDSRPTGNDVKEAYIESTKALTDGTTFSKSNEGSGTVLLETDIPNT
KLGELPSTG
;
_entity_poly.pdbx_strand_id   A
#
loop_
_chem_comp.id
_chem_comp.type
_chem_comp.name
_chem_comp.formula
CA non-polymer 'CALCIUM ION' 'Ca 2'
IOD non-polymer 'IODIDE ION' 'I -1'
#
# COMPACT_ATOMS: atom_id res chain seq x y z
N SER A 1 5.77 -3.48 61.53
CA SER A 1 5.76 -4.93 61.17
C SER A 1 5.86 -5.12 59.65
N LEU A 2 7.10 -5.32 59.18
CA LEU A 2 7.37 -5.63 57.77
C LEU A 2 7.54 -7.12 57.60
N SER A 3 7.28 -7.56 56.40
CA SER A 3 7.48 -8.90 56.01
C SER A 3 7.97 -8.81 54.59
CA LYS A 4 8.97 -10.57 53.36
C LYS A 4 7.84 -10.84 52.37
N ASP A 5 6.72 -11.27 52.91
CA ASP A 5 5.51 -11.60 52.16
C ASP A 5 4.46 -10.47 52.09
N ASP A 6 4.84 -9.25 52.45
CA ASP A 6 4.00 -8.09 52.22
C ASP A 6 3.65 -7.99 50.74
N THR A 7 2.37 -7.77 50.45
CA THR A 7 1.87 -7.60 49.09
C THR A 7 1.52 -6.12 48.80
N ALA A 8 1.65 -5.72 47.54
CA ALA A 8 1.15 -4.44 47.06
C ALA A 8 0.83 -4.57 45.57
N GLN A 9 -0.11 -3.77 45.09
CA GLN A 9 -0.56 -3.90 43.71
C GLN A 9 0.27 -3.03 42.76
N LEU A 10 0.78 -3.66 41.71
CA LEU A 10 1.41 -2.95 40.61
C LEU A 10 0.40 -2.93 39.46
N LYS A 11 0.08 -1.73 39.00
CA LYS A 11 -1.03 -1.54 38.09
C LYS A 11 -0.64 -0.73 36.86
N ILE A 12 -1.16 -1.16 35.72
CA ILE A 12 -0.96 -0.46 34.47
C ILE A 12 -2.35 -0.06 33.94
N THR A 13 -2.52 1.21 33.63
CA THR A 13 -3.75 1.68 32.96
C THR A 13 -3.50 2.10 31.51
N ASN A 14 -4.57 2.45 30.81
CA ASN A 14 -4.51 2.88 29.41
C ASN A 14 -3.98 1.80 28.47
N ILE A 15 -4.42 0.57 28.70
CA ILE A 15 -4.03 -0.55 27.87
C ILE A 15 -5.03 -0.69 26.73
N GLU A 16 -4.59 -0.40 25.51
CA GLU A 16 -5.43 -0.45 24.33
C GLU A 16 -4.93 -1.54 23.41
N GLY A 17 -5.84 -2.14 22.66
CA GLY A 17 -5.45 -3.06 21.63
C GLY A 17 -5.17 -4.47 22.09
N GLY A 18 -5.43 -4.75 23.36
CA GLY A 18 -5.28 -6.11 23.90
C GLY A 18 -3.92 -6.76 23.77
N PRO A 19 -2.87 -6.11 24.29
CA PRO A 19 -1.54 -6.71 24.22
C PRO A 19 -1.33 -7.79 25.28
N THR A 20 -0.23 -8.51 25.16
CA THR A 20 0.30 -9.37 26.20
C THR A 20 1.10 -8.49 27.13
N VAL A 21 0.96 -8.71 28.42
CA VAL A 21 1.75 -7.99 29.41
C VAL A 21 2.64 -9.01 30.15
N THR A 22 3.94 -8.76 30.10
CA THR A 22 4.93 -9.54 30.81
C THR A 22 5.71 -8.65 31.76
N LEU A 23 5.84 -9.08 33.01
CA LEU A 23 6.61 -8.35 34.01
C LEU A 23 7.91 -9.14 34.26
N TYR A 24 9.04 -8.44 34.19
CA TYR A 24 10.34 -9.07 34.41
C TYR A 24 10.93 -8.50 35.67
N LYS A 25 11.15 -9.35 36.66
CA LYS A 25 11.71 -8.85 37.91
C LYS A 25 13.21 -8.59 37.77
N ILE A 26 13.58 -7.33 37.92
CA ILE A 26 14.97 -6.88 37.81
C ILE A 26 15.59 -6.44 39.14
N GLY A 27 14.76 -6.35 40.18
CA GLY A 27 15.21 -5.92 41.52
C GLY A 27 14.54 -6.75 42.60
N GLU A 28 15.34 -7.51 43.37
CA GLU A 28 14.88 -8.28 44.51
C GLU A 28 15.00 -7.43 45.78
N GLY A 29 13.93 -7.41 46.57
CA GLY A 29 13.98 -6.80 47.89
C GLY A 29 14.77 -7.68 48.85
N VAL A 30 15.80 -7.13 49.48
CA VAL A 30 16.61 -7.89 50.45
C VAL A 30 16.17 -7.55 51.86
N TYR A 31 15.78 -8.57 52.60
CA TYR A 31 15.41 -8.40 53.99
C TYR A 31 16.49 -9.07 54.88
N ASN A 32 16.44 -8.77 56.17
CA ASN A 32 17.33 -9.37 57.17
C ASN A 32 17.06 -10.86 57.44
N GLY A 35 13.58 -11.52 58.30
CA GLY A 35 12.41 -11.27 57.46
C GLY A 35 11.56 -10.10 57.94
N ASP A 36 12.00 -9.46 59.02
CA ASP A 36 11.23 -8.43 59.72
C ASP A 36 11.80 -7.03 59.49
N SER A 37 12.88 -6.95 58.73
CA SER A 37 13.51 -5.67 58.40
C SER A 37 13.91 -5.64 56.92
N PHE A 38 13.64 -4.52 56.25
CA PHE A 38 14.01 -4.33 54.85
C PHE A 38 15.38 -3.66 54.74
N ILE A 39 16.26 -4.26 53.96
CA ILE A 39 17.63 -3.77 53.82
C ILE A 39 17.78 -2.89 52.58
N ASN A 40 17.66 -3.50 51.39
CA ASN A 40 17.89 -2.81 50.13
C ASN A 40 17.37 -3.64 48.96
N PHE A 41 17.55 -3.13 47.75
CA PHE A 41 17.29 -3.89 46.53
C PHE A 41 18.54 -4.51 45.97
N LYS A 42 18.47 -5.79 45.62
CA LYS A 42 19.49 -6.43 44.81
C LYS A 42 19.02 -6.50 43.34
N TYR A 43 19.78 -5.88 42.46
CA TYR A 43 19.43 -5.78 41.06
C TYR A 43 20.14 -6.85 40.24
N ALA A 44 19.49 -7.33 39.18
CA ALA A 44 20.11 -8.31 38.30
C ALA A 44 21.41 -7.75 37.68
N GLU A 45 22.37 -8.65 37.46
CA GLU A 45 23.67 -8.29 36.89
C GLU A 45 23.41 -7.67 35.54
N GLY A 46 24.01 -6.51 35.31
CA GLY A 46 23.87 -5.77 34.04
C GLY A 46 22.85 -4.64 34.13
N VAL A 47 22.02 -4.64 35.19
CA VAL A 47 21.06 -3.58 35.39
C VAL A 47 21.79 -2.38 35.94
N SER A 48 21.58 -1.25 35.28
CA SER A 48 22.13 0.00 35.71
C SER A 48 21.02 1.03 35.67
N LEU A 49 20.74 1.64 36.82
CA LEU A 49 19.76 2.73 36.88
C LEU A 49 20.08 3.72 37.98
N THR A 50 19.47 4.88 37.87
CA THR A 50 19.59 5.94 38.85
C THR A 50 18.48 5.82 39.90
N GLU A 51 18.84 5.46 41.13
CA GLU A 51 17.87 5.15 42.17
C GLU A 51 17.03 6.36 42.57
N THR A 52 17.59 7.55 42.37
CA THR A 52 16.92 8.83 42.56
C THR A 52 15.68 9.02 41.70
N GLY A 53 15.68 8.40 40.53
CA GLY A 53 14.62 8.59 39.56
C GLY A 53 15.11 8.00 38.25
N PRO A 54 14.75 6.74 37.97
CA PRO A 54 15.29 6.14 36.75
C PRO A 54 14.85 6.89 35.50
N THR A 55 15.73 6.96 34.51
CA THR A 55 15.50 7.72 33.30
C THR A 55 14.94 6.82 32.22
N SER A 56 14.33 7.45 31.22
CA SER A 56 13.85 6.73 30.04
C SER A 56 14.95 5.93 29.35
N GLN A 57 16.09 6.58 29.13
CA GLN A 57 17.29 5.94 28.56
C GLN A 57 17.61 4.65 29.29
N GLU A 58 17.71 4.73 30.61
CA GLU A 58 18.04 3.57 31.45
C GLU A 58 17.00 2.47 31.33
N ILE A 59 15.72 2.85 31.37
CA ILE A 59 14.61 1.87 31.35
C ILE A 59 14.61 1.09 30.04
N THR A 60 14.68 1.82 28.93
CA THR A 60 14.78 1.17 27.62
C THR A 60 16.06 0.29 27.49
N THR A 61 17.19 0.79 27.96
CA THR A 61 18.43 0.00 28.00
C THR A 61 18.26 -1.35 28.69
N ILE A 62 17.58 -1.36 29.84
CA ILE A 62 17.35 -2.60 30.59
C ILE A 62 16.50 -3.55 29.77
N ALA A 63 15.45 -3.01 29.17
CA ALA A 63 14.55 -3.81 28.32
C ALA A 63 15.31 -4.43 27.16
N ASN A 64 16.17 -3.64 26.52
CA ASN A 64 17.05 -4.18 25.46
C ASN A 64 17.81 -5.41 25.99
N GLY A 65 18.36 -5.29 27.18
CA GLY A 65 19.18 -6.35 27.78
C GLY A 65 18.39 -7.59 28.10
N ILE A 66 17.15 -7.39 28.56
CA ILE A 66 16.26 -8.49 28.84
C ILE A 66 15.96 -9.28 27.57
N ASN A 67 15.69 -8.54 26.49
CA ASN A 67 15.35 -9.19 25.23
C ASN A 67 16.51 -9.87 24.51
N THR A 68 17.74 -9.38 24.71
CA THR A 68 18.90 -10.14 24.21
C THR A 68 19.26 -11.32 25.09
N GLY A 69 18.88 -11.26 26.36
CA GLY A 69 19.29 -12.28 27.32
C GLY A 69 20.50 -11.87 28.14
N LYS A 70 21.10 -10.71 27.85
CA LYS A 70 22.23 -10.18 28.64
C LYS A 70 21.91 -9.91 30.10
N ILE A 71 20.69 -9.42 30.34
CA ILE A 71 20.16 -9.26 31.69
C ILE A 71 19.15 -10.39 31.94
N LYS A 72 19.40 -11.19 32.97
CA LYS A 72 18.47 -12.27 33.31
C LYS A 72 17.62 -11.81 34.47
N PRO A 73 16.30 -11.71 34.25
CA PRO A 73 15.47 -11.29 35.37
C PRO A 73 15.36 -12.41 36.38
N PHE A 74 15.06 -12.05 37.63
CA PHE A 74 14.89 -13.04 38.69
C PHE A 74 13.63 -13.88 38.50
N SER A 75 12.63 -13.30 37.85
CA SER A 75 11.43 -14.03 37.52
C SER A 75 10.71 -13.31 36.40
N THR A 76 9.86 -14.05 35.71
CA THR A 76 9.02 -13.52 34.65
C THR A 76 7.56 -13.83 34.98
N GLU A 77 6.71 -12.80 34.95
CA GLU A 77 5.26 -12.95 35.22
C GLU A 77 4.40 -12.53 34.04
N ASN A 78 3.37 -13.32 33.78
CA ASN A 78 2.38 -13.01 32.76
C ASN A 78 1.19 -12.39 33.46
N VAL A 79 0.75 -11.23 33.02
CA VAL A 79 -0.29 -10.50 33.73
C VAL A 79 -1.50 -10.33 32.81
N SER A 80 -2.67 -10.72 33.30
CA SER A 80 -3.87 -10.62 32.48
C SER A 80 -4.32 -9.17 32.39
N ILE A 81 -5.12 -8.88 31.36
CA ILE A 81 -5.72 -7.56 31.21
C ILE A 81 -7.25 -7.64 31.24
N SER A 82 -7.87 -6.51 31.58
CA SER A 82 -9.30 -6.35 31.40
C SER A 82 -9.67 -4.89 31.42
N ASN A 83 -10.54 -4.49 30.51
CA ASN A 83 -11.11 -3.14 30.54
C ASN A 83 -10.03 -2.06 30.62
N GLY A 84 -8.89 -2.28 29.96
CA GLY A 84 -7.86 -1.26 29.88
C GLY A 84 -6.84 -1.20 31.01
N THR A 85 -6.90 -2.15 31.94
CA THR A 85 -5.98 -2.16 33.05
C THR A 85 -5.42 -3.55 33.33
N ALA A 86 -4.26 -3.58 33.96
CA ALA A 86 -3.67 -4.85 34.41
C ALA A 86 -3.20 -4.64 35.83
N THR A 87 -3.42 -5.64 36.67
CA THR A 87 -2.98 -5.60 38.07
C THR A 87 -2.20 -6.86 38.44
N TYR A 88 -1.09 -6.65 39.14
CA TYR A 88 -0.20 -7.70 39.58
C TYR A 88 0.05 -7.51 41.08
N ASN A 89 -0.03 -8.61 41.84
CA ASN A 89 0.17 -8.55 43.29
C ASN A 89 1.60 -8.96 43.58
N ALA A 90 2.44 -7.97 43.87
CA ALA A 90 3.86 -8.22 44.09
C ALA A 90 4.03 -8.82 45.46
N ARG A 91 4.95 -9.76 45.60
CA ARG A 91 5.29 -10.34 46.91
C ARG A 91 6.59 -9.71 47.41
N GLY A 92 6.47 -8.76 48.32
CA GLY A 92 7.61 -8.07 48.90
C GLY A 92 8.10 -6.97 47.99
N ALA A 93 8.91 -6.08 48.54
CA ALA A 93 9.48 -4.99 47.78
C ALA A 93 10.27 -5.60 46.63
N SER A 94 10.07 -5.03 45.45
CA SER A 94 10.61 -5.57 44.21
C SER A 94 10.44 -4.56 43.09
N VAL A 95 11.24 -4.73 42.05
CA VAL A 95 11.31 -3.79 40.93
C VAL A 95 11.16 -4.59 39.65
N TYR A 96 10.30 -4.12 38.75
CA TYR A 96 9.97 -4.81 37.50
C TYR A 96 10.06 -3.90 36.27
N ILE A 97 10.35 -4.50 35.14
CA ILE A 97 10.11 -3.87 33.84
C ILE A 97 8.90 -4.58 33.25
N ALA A 98 7.89 -3.82 32.83
CA ALA A 98 6.76 -4.38 32.13
C ALA A 98 6.89 -4.09 30.64
N LEU A 99 6.73 -5.12 29.81
CA LEU A 99 6.62 -4.96 28.37
C LEU A 99 5.21 -5.38 27.88
N LEU A 100 4.62 -4.50 27.08
CA LEU A 100 3.32 -4.76 26.44
C LEU A 100 3.56 -5.00 24.95
N THR A 101 3.24 -6.21 24.49
CA THR A 101 3.59 -6.68 23.14
C THR A 101 2.37 -7.26 22.45
N GLY A 102 2.45 -7.40 21.13
CA GLY A 102 1.43 -8.06 20.34
C GLY A 102 0.02 -7.50 20.34
N ALA A 103 -0.16 -6.21 20.60
CA ALA A 103 -1.48 -5.58 20.52
C ALA A 103 -2.08 -5.87 19.16
N THR A 104 -3.33 -6.29 19.14
CA THR A 104 -3.95 -6.72 17.87
C THR A 104 -4.35 -5.57 16.94
N ASP A 105 -4.39 -4.35 17.47
CA ASP A 105 -4.61 -3.18 16.65
C ASP A 105 -3.33 -2.58 16.03
N GLY A 106 -2.18 -3.22 16.24
CA GLY A 106 -0.94 -2.75 15.64
C GLY A 106 -0.18 -1.70 16.44
N ARG A 107 -0.65 -1.34 17.63
CA ARG A 107 0.04 -0.32 18.38
C ARG A 107 1.33 -0.84 19.00
N THR A 108 2.20 0.12 19.31
CA THR A 108 3.50 -0.18 19.90
C THR A 108 3.65 0.66 21.15
N TYR A 109 4.20 0.04 22.20
CA TYR A 109 4.22 0.58 23.56
C TYR A 109 5.64 0.87 24.01
N ASN A 110 5.79 1.90 24.84
CA ASN A 110 7.03 2.11 25.57
C ASN A 110 7.11 1.10 26.72
N PRO A 111 8.33 0.81 27.19
CA PRO A 111 8.55 0.00 28.41
C PRO A 111 8.06 0.70 29.68
N ILE A 112 7.75 -0.06 30.73
CA ILE A 112 7.31 0.52 31.99
C ILE A 112 8.14 -0.03 33.14
N LEU A 113 8.57 0.87 34.02
CA LEU A 113 9.20 0.49 35.27
C LEU A 113 8.20 0.56 36.43
N LEU A 114 8.02 -0.57 37.11
CA LEU A 114 7.15 -0.64 38.25
C LEU A 114 7.91 -1.18 39.46
N ALA A 115 7.58 -0.65 40.63
CA ALA A 115 8.24 -1.09 41.86
C ALA A 115 7.26 -1.08 43.02
N ALA A 116 7.34 -2.11 43.88
CA ALA A 116 6.70 -2.06 45.20
C ALA A 116 7.76 -1.64 46.22
N SER A 117 7.45 -0.60 46.99
CA SER A 117 8.46 0.07 47.85
C SER A 117 7.93 0.52 49.19
N TYR A 118 8.78 0.43 50.22
CA TYR A 118 8.45 0.92 51.56
C TYR A 118 8.72 2.42 51.70
N ASN A 119 9.29 3.05 50.68
CA ASN A 119 9.69 4.45 50.78
C ASN A 119 8.88 5.39 49.90
N GLY A 120 7.65 5.00 49.58
CA GLY A 120 6.76 5.80 48.73
C GLY A 120 6.59 5.19 47.34
N GLU A 121 5.48 5.51 46.69
CA GLU A 121 5.15 4.93 45.38
C GLU A 121 6.35 5.01 44.44
N GLY A 122 6.85 3.86 44.00
CA GLY A 122 7.91 3.78 43.00
C GLY A 122 9.31 4.14 43.47
N ASN A 123 9.47 4.48 44.75
CA ASN A 123 10.70 5.06 45.26
C ASN A 123 11.79 4.01 45.44
N LEU A 124 12.88 4.13 44.70
CA LEU A 124 13.95 3.11 44.74
C LEU A 124 15.11 3.40 45.70
N VAL A 125 15.15 4.58 46.32
CA VAL A 125 16.22 4.88 47.30
C VAL A 125 15.95 4.13 48.62
N THR A 126 16.96 3.38 49.09
CA THR A 126 16.80 2.53 50.27
C THR A 126 17.62 2.98 51.49
N LYS A 127 18.44 4.02 51.33
CA LYS A 127 19.23 4.58 52.44
C LYS A 127 18.38 5.48 53.33
N ASN A 134 6.87 1.14 57.41
CA ASN A 134 5.86 0.14 57.81
C ASN A 134 5.11 -0.48 56.63
N TYR A 135 4.69 0.37 55.70
CA TYR A 135 3.68 -0.01 54.72
C TYR A 135 4.29 -0.17 53.33
N LEU A 136 3.96 -1.26 52.62
CA LEU A 136 4.51 -1.49 51.28
C LEU A 136 3.63 -0.81 50.24
N TYR A 137 4.16 0.22 49.59
CA TYR A 137 3.41 0.95 48.56
C TYR A 137 3.45 0.20 47.22
N GLY A 138 2.32 0.19 46.52
CA GLY A 138 2.28 -0.23 45.14
C GLY A 138 2.60 0.92 44.16
N GLN A 139 2.23 0.72 42.92
CA GLN A 139 2.48 1.72 41.90
C GLN A 139 1.47 1.55 40.79
N THR A 140 1.01 2.67 40.26
CA THR A 140 0.16 2.70 39.08
C THR A 140 0.83 3.54 38.02
N SER A 141 0.95 2.98 36.80
CA SER A 141 1.54 3.71 35.68
C SER A 141 0.59 3.71 34.48
N VAL A 142 0.54 4.83 33.79
CA VAL A 142 -0.23 4.97 32.54
C VAL A 142 0.62 4.48 31.35
N ALA A 143 0.14 3.46 30.68
CA ALA A 143 0.84 2.93 29.54
C ALA A 143 0.83 3.99 28.47
N LYS A 144 1.90 3.97 27.66
CA LYS A 144 2.07 4.88 26.55
C LYS A 144 2.34 4.12 25.24
N SER A 145 1.52 4.40 24.25
CA SER A 145 1.61 3.71 22.98
C SER A 145 1.35 4.68 21.82
N SER A 146 1.75 4.26 20.61
CA SER A 146 1.44 4.98 19.37
C SER A 146 0.85 4.02 18.36
N LEU A 147 0.01 4.55 17.46
CA LEU A 147 -0.66 3.72 16.47
C LEU A 147 -0.30 4.27 15.09
N PRO A 148 0.63 3.60 14.39
CA PRO A 148 0.94 4.05 13.05
C PRO A 148 -0.20 3.85 12.06
N SER A 149 -0.08 4.49 10.91
CA SER A 149 -1.05 4.28 9.84
C SER A 149 -0.39 4.57 8.52
N ILE A 150 -1.02 4.08 7.45
CA ILE A 150 -0.60 4.40 6.10
C ILE A 150 -1.86 4.60 5.28
N THR A 151 -1.86 5.65 4.46
CA THR A 151 -3.01 6.00 3.60
C THR A 151 -2.49 6.21 2.19
N LYS A 152 -3.11 5.52 1.23
CA LYS A 152 -2.75 5.67 -0.17
C LYS A 152 -3.89 6.29 -0.97
N LYS A 153 -3.51 7.23 -1.84
CA LYS A 153 -4.43 7.87 -2.73
C LYS A 153 -3.93 7.76 -4.17
N VAL A 154 -4.88 7.82 -5.12
CA VAL A 154 -4.56 7.81 -6.53
C VAL A 154 -5.34 8.91 -7.24
N THR A 155 -4.67 9.56 -8.20
CA THR A 155 -5.34 10.52 -9.06
C THR A 155 -4.93 10.24 -10.49
N GLY A 156 -5.61 10.88 -11.44
CA GLY A 156 -5.39 10.61 -12.87
C GLY A 156 -6.49 9.71 -13.44
N THR A 157 -7.39 9.29 -12.54
CA THR A 157 -8.48 8.38 -12.84
C THR A 157 -9.76 9.16 -13.10
N ILE A 158 -10.78 8.44 -13.54
CA ILE A 158 -12.10 9.01 -13.78
C ILE A 158 -13.08 8.35 -12.82
N ASP A 159 -13.78 9.16 -12.03
CA ASP A 159 -14.72 8.62 -11.03
C ASP A 159 -15.97 8.07 -11.71
N ASP A 160 -16.26 6.80 -11.41
CA ASP A 160 -17.49 6.15 -11.85
C ASP A 160 -18.29 5.77 -10.60
N VAL A 161 -19.15 6.68 -10.15
CA VAL A 161 -19.80 6.56 -8.85
C VAL A 161 -18.68 6.41 -7.80
N ASN A 162 -18.64 5.32 -7.05
CA ASN A 162 -17.56 5.12 -6.08
C ASN A 162 -16.37 4.31 -6.64
N LYS A 163 -16.30 4.14 -7.96
CA LYS A 163 -15.23 3.36 -8.58
C LYS A 163 -14.26 4.28 -9.32
N LYS A 164 -12.98 4.17 -9.04
CA LYS A 164 -12.00 4.90 -9.84
C LYS A 164 -11.64 4.08 -11.08
N THR A 165 -11.80 4.69 -12.25
CA THR A 165 -11.58 4.00 -13.52
C THR A 165 -10.48 4.66 -14.36
N THR A 166 -9.93 3.92 -15.30
CA THR A 166 -8.85 4.40 -16.13
C THR A 166 -8.85 3.72 -17.50
N SER A 167 -7.88 4.06 -18.34
CA SER A 167 -7.83 3.51 -19.67
C SER A 167 -6.39 3.16 -20.04
N LEU A 168 -6.24 2.29 -21.05
CA LEU A 168 -4.91 1.93 -21.57
C LEU A 168 -4.08 3.16 -21.92
N GLY A 169 -2.85 3.21 -21.42
CA GLY A 169 -1.94 4.32 -21.68
C GLY A 169 -2.10 5.50 -20.73
N SER A 170 -2.98 5.41 -19.75
CA SER A 170 -3.14 6.50 -18.76
C SER A 170 -2.06 6.45 -17.67
N VAL A 171 -1.53 7.61 -17.30
CA VAL A 171 -0.57 7.69 -16.19
C VAL A 171 -1.34 8.01 -14.91
N LEU A 172 -1.15 7.15 -13.92
CA LEU A 172 -1.81 7.30 -12.62
C LEU A 172 -0.81 7.74 -11.57
N SER A 173 -1.23 8.66 -10.70
CA SER A 173 -0.34 9.30 -9.74
C SER A 173 -0.76 8.88 -8.34
N TYR A 174 0.13 8.16 -7.68
CA TYR A 174 -0.12 7.63 -6.36
C TYR A 174 0.64 8.45 -5.31
N SER A 175 0.06 8.52 -4.13
CA SER A 175 0.64 9.27 -3.02
C SER A 175 0.40 8.52 -1.71
N LEU A 176 1.42 8.49 -0.86
CA LEU A 176 1.34 7.84 0.43
C LEU A 176 1.58 8.86 1.52
N THR A 177 0.77 8.83 2.56
CA THR A 177 1.11 9.53 3.80
C THR A 177 1.04 8.53 4.94
N PHE A 178 1.76 8.79 6.02
CA PHE A 178 1.72 7.87 7.15
C PHE A 178 1.99 8.51 8.49
N GLU A 179 1.52 7.86 9.55
CA GLU A 179 1.79 8.29 10.93
C GLU A 179 2.86 7.37 11.48
N LEU A 180 3.89 7.96 12.07
CA LEU A 180 5.03 7.21 12.56
C LEU A 180 4.77 6.55 13.90
N PRO A 181 5.45 5.42 14.16
CA PRO A 181 5.50 4.95 15.53
C PRO A 181 6.31 5.96 16.36
N SER A 182 6.14 5.91 17.67
CA SER A 182 6.94 6.70 18.58
C SER A 182 7.87 5.72 19.30
N TYR A 183 9.17 5.84 19.04
CA TYR A 183 10.18 4.97 19.70
C TYR A 183 10.98 5.81 20.69
N THR A 184 11.29 5.24 21.85
CA THR A 184 12.24 5.87 22.77
C THR A 184 13.63 5.82 22.13
N LYS A 185 14.47 6.77 22.55
CA LYS A 185 15.77 7.03 21.90
C LYS A 185 16.70 5.80 21.82
N GLU A 186 16.73 4.98 22.88
CA GLU A 186 17.62 3.81 22.92
C GLU A 186 17.05 2.53 22.33
N ALA A 187 15.86 2.57 21.74
CA ALA A 187 15.27 1.36 21.15
C ALA A 187 16.23 0.74 20.15
N VAL A 188 16.34 -0.58 20.15
CA VAL A 188 17.20 -1.32 19.22
C VAL A 188 16.53 -1.62 17.86
N ASN A 189 15.19 -1.65 17.83
CA ASN A 189 14.44 -1.85 16.61
C ASN A 189 13.60 -0.59 16.30
N LYS A 190 14.15 0.26 15.42
CA LYS A 190 13.42 1.45 14.99
C LYS A 190 13.03 1.34 13.53
N THR A 191 12.55 0.18 13.12
CA THR A 191 12.18 -0.06 11.75
C THR A 191 11.11 0.97 11.30
N VAL A 192 11.39 1.59 10.15
CA VAL A 192 10.47 2.51 9.46
C VAL A 192 10.62 2.19 7.98
N TYR A 193 9.78 1.33 7.43
CA TYR A 193 10.03 0.71 6.12
C TYR A 193 8.78 0.69 5.24
N VAL A 194 8.87 1.28 4.05
CA VAL A 194 7.71 1.42 3.15
C VAL A 194 7.87 0.62 1.85
N SER A 195 6.80 -0.08 1.47
CA SER A 195 6.78 -0.88 0.24
C SER A 195 5.50 -0.66 -0.56
N ASP A 196 5.61 -0.84 -1.87
CA ASP A 196 4.43 -1.04 -2.73
C ASP A 196 4.82 -1.93 -3.86
N ASN A 197 3.83 -2.67 -4.38
CA ASN A 197 3.99 -3.40 -5.61
C ASN A 197 2.70 -3.30 -6.41
N MET A 198 2.84 -2.89 -7.66
CA MET A 198 1.71 -2.67 -8.53
C MET A 198 1.29 -4.00 -9.15
N SER A 199 -0.01 -4.20 -9.32
CA SER A 199 -0.49 -5.38 -10.08
C SER A 199 0.01 -5.28 -11.52
N GLU A 200 -0.07 -6.38 -12.25
CA GLU A 200 0.70 -6.47 -13.49
C GLU A 200 0.21 -5.57 -14.60
N GLY A 201 -1.04 -5.12 -14.54
CA GLY A 201 -1.60 -4.21 -15.55
C GLY A 201 -1.20 -2.75 -15.42
N LEU A 202 -0.33 -2.47 -14.43
CA LEU A 202 0.23 -1.15 -14.22
C LEU A 202 1.73 -1.29 -14.27
N THR A 203 2.42 -0.39 -14.96
CA THR A 203 3.86 -0.45 -15.05
C THR A 203 4.42 0.67 -14.16
N PHE A 204 5.02 0.27 -13.04
CA PHE A 204 5.59 1.20 -12.06
C PHE A 204 6.77 1.93 -12.64
N ASN A 205 6.86 3.24 -12.38
CA ASN A 205 7.99 4.06 -12.82
C ASN A 205 8.83 4.47 -11.63
N PHE A 206 9.93 3.75 -11.39
CA PHE A 206 10.79 4.04 -10.24
C PHE A 206 11.36 5.45 -10.29
N ASN A 207 11.74 5.89 -11.48
CA ASN A 207 12.25 7.23 -11.71
C ASN A 207 11.27 8.33 -11.33
N SER A 208 9.96 8.03 -11.27
CA SER A 208 8.96 9.00 -10.83
C SER A 208 8.88 9.15 -9.31
N LEU A 209 9.57 8.30 -8.56
CA LEU A 209 9.44 8.28 -7.09
C LEU A 209 9.96 9.57 -6.50
N THR A 210 9.13 10.22 -5.71
CA THR A 210 9.54 11.43 -5.03
C THR A 210 9.22 11.34 -3.56
N VAL A 211 9.96 12.09 -2.77
CA VAL A 211 9.78 12.09 -1.34
C VAL A 211 9.84 13.56 -0.92
N GLU A 212 8.83 14.03 -0.20
N GLU A 212 8.86 13.99 -0.15
CA GLU A 212 8.84 15.35 0.43
CA GLU A 212 8.83 15.33 0.42
C GLU A 212 8.93 15.12 1.93
C GLU A 212 8.82 15.21 1.94
N TRP A 213 9.71 15.95 2.59
CA TRP A 213 9.88 15.88 4.05
C TRP A 213 10.18 17.30 4.53
N LYS A 214 9.45 17.72 5.57
CA LYS A 214 9.54 19.09 6.08
C LYS A 214 9.31 20.16 5.00
N GLY A 215 8.44 19.87 4.04
CA GLY A 215 8.14 20.81 2.98
C GLY A 215 9.28 21.04 1.99
N LYS A 216 10.21 20.08 1.93
CA LYS A 216 11.34 20.11 0.99
C LYS A 216 11.34 18.85 0.15
N MET A 217 11.64 18.95 -1.14
CA MET A 217 11.74 17.77 -1.98
C MET A 217 13.09 17.12 -1.77
N ALA A 218 13.08 15.81 -1.63
CA ALA A 218 14.29 15.04 -1.60
C ALA A 218 14.85 14.88 -3.00
N ASN A 219 16.17 14.70 -3.07
CA ASN A 219 16.82 14.21 -4.27
C ASN A 219 17.20 12.79 -3.99
N ILE A 220 16.77 11.88 -4.85
CA ILE A 220 17.12 10.49 -4.71
C ILE A 220 18.28 10.26 -5.67
N THR A 221 19.44 9.89 -5.13
CA THR A 221 20.58 9.67 -5.99
C THR A 221 20.65 8.25 -6.53
N GLU A 222 21.63 8.04 -7.40
CA GLU A 222 21.84 6.79 -8.12
C GLU A 222 21.78 5.54 -7.24
N ASP A 223 22.43 5.55 -6.09
CA ASP A 223 22.44 4.37 -5.19
C ASP A 223 21.20 4.23 -4.29
N GLY A 224 20.26 5.17 -4.43
CA GLY A 224 18.95 5.08 -3.80
C GLY A 224 18.80 6.02 -2.61
N SER A 225 19.89 6.69 -2.24
CA SER A 225 19.91 7.57 -1.11
C SER A 225 18.90 8.68 -1.27
N VAL A 226 18.07 8.83 -0.26
CA VAL A 226 17.06 9.88 -0.22
C VAL A 226 17.67 11.04 0.55
N MET A 227 18.02 12.11 -0.16
CA MET A 227 18.76 13.22 0.43
C MET A 227 17.89 14.47 0.57
N VAL A 228 17.84 15.04 1.77
CA VAL A 228 17.24 16.35 2.02
C VAL A 228 18.18 17.13 2.94
N GLU A 229 18.37 18.40 2.65
CA GLU A 229 19.25 19.29 3.45
C GLU A 229 20.62 18.66 3.84
N ASN A 230 21.26 18.01 2.86
CA ASN A 230 22.50 17.25 3.05
C ASN A 230 22.38 16.10 4.04
N THR A 231 21.16 15.74 4.39
CA THR A 231 20.89 14.64 5.30
C THR A 231 20.29 13.49 4.53
N LYS A 232 20.80 12.31 4.76
CA LYS A 232 20.18 11.10 4.21
C LYS A 232 19.06 10.63 5.14
N ILE A 233 17.81 10.71 4.68
CA ILE A 233 16.70 10.30 5.53
C ILE A 233 16.21 8.89 5.23
N GLY A 234 16.71 8.29 4.17
CA GLY A 234 16.34 6.96 3.81
C GLY A 234 17.04 6.49 2.55
N ILE A 235 16.67 5.29 2.10
CA ILE A 235 17.21 4.71 0.89
C ILE A 235 16.09 3.92 0.22
N ALA A 236 15.98 4.10 -1.09
CA ALA A 236 14.98 3.49 -1.91
C ALA A 236 15.60 2.54 -2.89
N LYS A 237 14.84 1.49 -3.24
CA LYS A 237 15.25 0.52 -4.25
C LYS A 237 14.05 0.00 -5.03
N GLU A 238 14.24 -0.16 -6.34
CA GLU A 238 13.24 -0.72 -7.21
C GLU A 238 13.25 -2.25 -7.07
N VAL A 239 12.10 -2.81 -6.75
CA VAL A 239 11.96 -4.25 -6.56
C VAL A 239 10.65 -4.71 -7.18
N ASN A 240 10.75 -5.68 -8.08
CA ASN A 240 9.62 -6.14 -8.91
C ASN A 240 8.90 -4.94 -9.58
N ASN A 241 7.60 -4.82 -9.44
CA ASN A 241 6.84 -3.73 -10.07
C ASN A 241 6.52 -2.69 -9.01
N GLY A 242 7.56 -2.25 -8.29
CA GLY A 242 7.37 -1.37 -7.15
C GLY A 242 8.70 -1.02 -6.50
N PHE A 243 8.68 -0.82 -5.18
CA PHE A 243 9.83 -0.34 -4.45
C PHE A 243 9.77 -0.73 -2.98
N ASN A 244 10.95 -0.71 -2.37
CA ASN A 244 11.11 -0.67 -0.92
C ASN A 244 11.86 0.60 -0.57
N LEU A 245 11.45 1.24 0.52
CA LEU A 245 12.07 2.46 0.99
C LEU A 245 12.19 2.37 2.52
N SER A 246 13.42 2.29 3.01
CA SER A 246 13.67 2.21 4.43
C SER A 246 14.12 3.57 4.89
N PHE A 247 13.40 4.15 5.85
CA PHE A 247 13.82 5.44 6.42
C PHE A 247 14.67 5.26 7.67
N ILE A 248 15.41 6.31 8.00
CA ILE A 248 16.26 6.36 9.18
C ILE A 248 15.52 7.14 10.25
N TYR A 249 14.91 6.41 11.20
CA TYR A 249 13.96 6.99 12.18
C TYR A 249 14.44 8.30 12.80
N ASP A 250 15.65 8.27 13.32
CA ASP A 250 16.19 9.43 14.03
C ASP A 250 16.28 10.66 13.12
N SER A 251 16.62 10.46 11.83
N SER A 251 16.63 10.47 11.84
CA SER A 251 16.76 11.58 10.88
CA SER A 251 16.78 11.59 10.92
C SER A 251 15.43 12.27 10.52
C SER A 251 15.45 12.24 10.47
N LEU A 252 14.31 11.64 10.83
CA LEU A 252 12.99 12.19 10.49
C LEU A 252 12.51 13.29 11.43
N GLU A 253 13.12 13.40 12.61
CA GLU A 253 12.74 14.44 13.59
C GLU A 253 11.23 14.39 13.87
N SER A 254 10.68 13.18 13.95
CA SER A 254 9.25 12.96 14.20
C SER A 254 8.29 13.62 13.20
N ILE A 255 8.77 13.89 11.99
CA ILE A 255 7.92 14.44 10.92
C ILE A 255 7.88 13.40 9.80
N SER A 256 6.68 13.02 9.37
CA SER A 256 6.54 11.95 8.36
C SER A 256 6.81 12.48 6.96
N PRO A 257 7.60 11.75 6.17
N PRO A 257 7.67 11.79 6.19
CA PRO A 257 7.77 12.09 4.77
CA PRO A 257 7.80 12.12 4.76
C PRO A 257 6.50 11.76 3.98
C PRO A 257 6.58 11.69 3.93
N ASN A 258 6.32 12.41 2.83
CA ASN A 258 5.20 12.15 1.94
C ASN A 258 5.80 11.61 0.63
N ILE A 259 5.29 10.46 0.18
CA ILE A 259 5.87 9.73 -0.93
C ILE A 259 4.90 9.81 -2.12
N SER A 260 5.43 10.09 -3.31
CA SER A 260 4.63 10.05 -4.53
C SER A 260 5.31 9.21 -5.59
N TYR A 261 4.50 8.64 -6.47
CA TYR A 261 5.01 7.87 -7.61
C TYR A 261 3.93 7.63 -8.64
N LYS A 262 4.35 7.22 -9.83
CA LYS A 262 3.44 7.05 -10.93
C LYS A 262 3.52 5.68 -11.51
N ALA A 263 2.43 5.25 -12.15
CA ALA A 263 2.44 4.08 -12.98
C ALA A 263 1.56 4.30 -14.20
N VAL A 264 1.82 3.55 -15.27
N VAL A 264 1.84 3.54 -15.25
CA VAL A 264 1.03 3.70 -16.51
CA VAL A 264 1.10 3.62 -16.51
C VAL A 264 0.31 2.39 -16.87
C VAL A 264 0.23 2.36 -16.68
N VAL A 265 -0.97 2.54 -17.22
CA VAL A 265 -1.85 1.40 -17.46
C VAL A 265 -1.39 0.75 -18.74
N ASN A 266 -1.08 -0.54 -18.68
CA ASN A 266 -0.58 -1.30 -19.85
C ASN A 266 -1.65 -2.27 -20.39
N ASN A 267 -1.31 -3.00 -21.44
CA ASN A 267 -2.27 -3.87 -22.13
C ASN A 267 -2.78 -5.05 -21.29
N LYS A 268 -2.09 -5.38 -20.20
CA LYS A 268 -2.52 -6.45 -19.29
C LYS A 268 -3.52 -5.97 -18.22
N ALA A 269 -3.95 -4.72 -18.29
CA ALA A 269 -4.88 -4.21 -17.32
C ALA A 269 -6.13 -5.08 -17.34
N ILE A 270 -6.55 -5.48 -16.15
CA ILE A 270 -7.75 -6.30 -15.99
C ILE A 270 -9.01 -5.47 -16.19
N VAL A 271 -9.98 -6.03 -16.92
CA VAL A 271 -11.29 -5.39 -17.05
C VAL A 271 -12.29 -5.98 -16.04
N GLY A 272 -13.17 -5.13 -15.51
CA GLY A 272 -14.23 -5.55 -14.60
C GLY A 272 -13.75 -5.88 -13.19
N GLY A 273 -14.56 -6.70 -12.50
CA GLY A 273 -14.52 -6.91 -11.05
C GLY A 273 -13.23 -6.98 -10.28
N GLU A 274 -12.28 -7.78 -10.75
CA GLU A 274 -11.00 -7.93 -10.09
C GLU A 274 -10.25 -6.57 -10.00
N GLY A 275 -10.40 -5.72 -11.00
CA GLY A 275 -9.71 -4.43 -11.00
C GLY A 275 -8.20 -4.57 -10.95
N ASN A 276 -7.53 -3.46 -10.69
CA ASN A 276 -6.08 -3.41 -10.79
C ASN A 276 -5.51 -2.77 -9.53
N PRO A 277 -5.26 -3.59 -8.49
CA PRO A 277 -4.82 -3.06 -7.22
C PRO A 277 -3.32 -2.90 -7.07
N ASN A 278 -2.92 -2.03 -6.18
CA ASN A 278 -1.60 -2.02 -5.61
C ASN A 278 -1.66 -2.57 -4.17
N LYS A 279 -0.61 -2.37 -3.40
CA LYS A 279 -0.61 -2.80 -2.02
C LYS A 279 0.53 -2.12 -1.29
N ALA A 280 0.23 -0.99 -0.68
CA ALA A 280 1.24 -0.24 0.03
C ALA A 280 1.33 -0.76 1.44
N GLU A 281 2.56 -0.95 1.92
CA GLU A 281 2.80 -1.51 3.25
C GLU A 281 3.76 -0.66 4.02
N PHE A 282 3.43 -0.41 5.29
CA PHE A 282 4.29 0.32 6.22
C PHE A 282 4.65 -0.59 7.39
N PHE A 283 5.92 -0.99 7.42
CA PHE A 283 6.44 -1.90 8.44
C PHE A 283 7.13 -1.11 9.51
N TYR A 284 6.86 -1.46 10.77
CA TYR A 284 7.50 -0.82 11.93
C TYR A 284 7.63 -1.89 13.03
N SER A 285 8.28 -1.53 14.14
CA SER A 285 8.40 -2.45 15.27
C SER A 285 7.30 -2.25 16.30
N ASN A 286 6.65 -3.35 16.72
CA ASN A 286 5.75 -3.31 17.87
C ASN A 286 6.37 -3.92 19.14
N ASN A 287 7.69 -4.09 19.10
CA ASN A 287 8.46 -4.55 20.25
C ASN A 287 9.85 -3.95 20.09
N PRO A 288 9.96 -2.62 20.23
CA PRO A 288 11.17 -1.96 19.78
C PRO A 288 12.42 -2.23 20.62
N THR A 289 12.28 -2.87 21.79
CA THR A 289 13.43 -3.22 22.60
C THR A 289 13.95 -4.62 22.28
N LYS A 290 13.42 -5.23 21.23
CA LYS A 290 13.81 -6.57 20.81
C LYS A 290 14.29 -6.53 19.36
N GLY A 291 15.38 -7.26 19.08
CA GLY A 291 15.89 -7.37 17.73
C GLY A 291 16.70 -6.15 17.28
N ASN A 292 16.58 -5.85 15.98
CA ASN A 292 17.36 -4.84 15.30
C ASN A 292 16.49 -4.14 14.27
N THR A 293 16.80 -2.89 14.00
CA THR A 293 16.20 -2.16 12.89
C THR A 293 16.37 -2.92 11.57
N TYR A 294 15.27 -3.14 10.86
CA TYR A 294 15.33 -3.77 9.55
C TYR A 294 15.44 -2.74 8.44
N ASP A 295 16.45 -2.92 7.58
CA ASP A 295 16.62 -2.01 6.46
C ASP A 295 17.12 -2.70 5.19
N ASN A 296 16.95 -4.02 5.09
CA ASN A 296 17.33 -4.71 3.88
C ASN A 296 16.34 -4.30 2.78
N LEU A 297 16.82 -3.68 1.71
CA LEU A 297 15.93 -3.17 0.65
C LEU A 297 15.62 -4.18 -0.44
N ASP A 298 16.30 -5.33 -0.46
CA ASP A 298 16.00 -6.37 -1.43
C ASP A 298 14.64 -7.00 -1.15
N LYS A 299 14.24 -7.02 0.10
CA LYS A 299 13.13 -7.83 0.51
C LYS A 299 12.54 -7.27 1.77
N LYS A 300 11.25 -7.00 1.72
CA LYS A 300 10.55 -6.47 2.87
C LYS A 300 10.59 -7.49 4.02
N PRO A 301 10.52 -7.01 5.26
CA PRO A 301 10.67 -7.91 6.40
C PRO A 301 9.45 -8.82 6.61
N ASP A 302 9.66 -9.93 7.29
CA ASP A 302 8.56 -10.79 7.75
C ASP A 302 7.95 -10.19 9.02
N LYS A 303 6.67 -10.50 9.26
CA LYS A 303 5.91 -9.89 10.37
C LYS A 303 5.82 -10.75 11.63
N GLY A 306 8.42 -9.16 16.24
CA GLY A 306 8.71 -7.77 16.64
C GLY A 306 8.50 -6.74 15.55
N ILE A 307 8.23 -7.21 14.34
CA ILE A 307 7.86 -6.34 13.22
C ILE A 307 6.42 -6.63 12.82
N THR A 308 5.64 -5.57 12.68
CA THR A 308 4.30 -5.69 12.12
C THR A 308 4.08 -4.61 11.06
N SER A 309 2.85 -4.48 10.55
CA SER A 309 2.60 -3.49 9.51
C SER A 309 1.19 -2.97 9.47
N LYS A 310 1.04 -1.82 8.85
CA LYS A 310 -0.25 -1.33 8.37
C LYS A 310 -0.20 -1.38 6.85
N GLU A 311 -1.36 -1.32 6.24
CA GLU A 311 -1.37 -1.36 4.78
C GLU A 311 -2.56 -0.64 4.21
N ASP A 312 -2.47 -0.34 2.91
CA ASP A 312 -3.55 0.29 2.18
C ASP A 312 -3.38 -0.06 0.69
N SER A 313 -4.53 -0.06 0.01
CA SER A 313 -4.61 -0.46 -1.38
C SER A 313 -5.68 0.37 -2.08
N LYS A 314 -5.43 0.71 -3.33
CA LYS A 314 -6.44 1.35 -4.17
C LYS A 314 -6.65 0.45 -5.39
N ILE A 315 -7.89 0.24 -5.78
CA ILE A 315 -8.18 -0.59 -6.93
C ILE A 315 -8.62 0.37 -8.00
N VAL A 316 -8.07 0.19 -9.19
CA VAL A 316 -8.52 0.99 -10.31
C VAL A 316 -9.10 0.05 -11.35
N TYR A 317 -10.19 0.48 -11.97
CA TYR A 317 -10.99 -0.37 -12.87
C TYR A 317 -10.89 0.06 -14.34
N THR A 318 -11.06 -0.89 -15.25
CA THR A 318 -11.22 -0.57 -16.66
C THR A 318 -12.35 -1.43 -17.22
N TYR A 319 -12.91 -0.97 -18.34
CA TYR A 319 -13.93 -1.71 -19.07
C TYR A 319 -13.51 -1.84 -20.53
N GLN A 320 -14.25 -2.65 -21.27
CA GLN A 320 -14.02 -2.77 -22.69
C GLN A 320 -15.34 -2.70 -23.44
N ILE A 321 -15.28 -2.13 -24.63
CA ILE A 321 -16.45 -1.96 -25.47
C ILE A 321 -16.50 -3.06 -26.52
N ALA A 322 -17.68 -3.61 -26.70
CA ALA A 322 -17.93 -4.69 -27.65
C ALA A 322 -19.21 -4.38 -28.43
N PHE A 323 -19.28 -4.89 -29.65
CA PHE A 323 -20.47 -4.73 -30.47
C PHE A 323 -20.52 -5.86 -31.50
N ARG A 324 -21.67 -6.00 -32.15
CA ARG A 324 -21.79 -7.00 -33.20
C ARG A 324 -22.21 -6.34 -34.51
N LYS A 325 -21.58 -6.78 -35.59
CA LYS A 325 -21.86 -6.30 -36.93
C LYS A 325 -22.72 -7.30 -37.68
N VAL A 326 -23.86 -6.86 -38.22
CA VAL A 326 -24.78 -7.77 -38.93
C VAL A 326 -25.32 -7.16 -40.22
N ASP A 327 -25.85 -8.03 -41.08
CA ASP A 327 -26.58 -7.62 -42.29
C ASP A 327 -27.89 -6.96 -41.88
N SER A 328 -28.19 -5.82 -42.46
CA SER A 328 -29.36 -5.02 -42.04
C SER A 328 -30.71 -5.75 -42.14
N VAL A 329 -30.82 -6.74 -43.04
CA VAL A 329 -32.08 -7.48 -43.23
C VAL A 329 -32.07 -8.85 -42.57
N SER A 330 -31.08 -9.67 -42.92
CA SER A 330 -30.99 -11.04 -42.42
C SER A 330 -30.51 -11.15 -40.97
N LYS A 331 -29.90 -10.06 -40.46
CA LYS A 331 -29.26 -10.01 -39.14
C LYS A 331 -28.15 -11.04 -38.94
N THR A 332 -27.66 -11.64 -40.03
CA THR A 332 -26.59 -12.59 -39.90
C THR A 332 -25.28 -11.81 -39.70
N PRO A 333 -24.37 -12.36 -38.87
CA PRO A 333 -23.13 -11.67 -38.49
C PRO A 333 -22.17 -11.51 -39.66
N LEU A 334 -21.45 -10.38 -39.68
CA LEU A 334 -20.52 -10.06 -40.77
C LEU A 334 -19.07 -9.99 -40.28
N ILE A 335 -18.21 -10.68 -41.01
CA ILE A 335 -16.78 -10.74 -40.68
C ILE A 335 -16.02 -9.62 -41.38
N GLY A 336 -14.94 -9.16 -40.74
CA GLY A 336 -13.95 -8.30 -41.37
C GLY A 336 -14.28 -6.84 -41.53
N ALA A 337 -15.32 -6.37 -40.85
CA ALA A 337 -15.66 -4.95 -40.80
C ALA A 337 -14.66 -4.25 -39.88
N ILE A 338 -14.08 -3.15 -40.35
CA ILE A 338 -13.14 -2.37 -39.54
C ILE A 338 -13.80 -1.12 -38.98
N PHE A 339 -13.70 -0.96 -37.67
CA PHE A 339 -14.30 0.12 -36.92
C PHE A 339 -13.27 0.87 -36.11
N GLY A 340 -13.46 2.19 -36.02
CA GLY A 340 -12.78 3.02 -35.05
C GLY A 340 -13.64 3.21 -33.80
N VAL A 341 -12.98 3.30 -32.66
CA VAL A 341 -13.63 3.60 -31.40
C VAL A 341 -13.02 4.90 -30.91
N TYR A 342 -13.86 5.92 -30.71
CA TYR A 342 -13.39 7.25 -30.35
C TYR A 342 -13.91 7.61 -28.98
N ASP A 343 -13.19 8.49 -28.30
CA ASP A 343 -13.66 9.04 -27.05
C ASP A 343 -14.64 10.16 -27.36
N THR A 344 -15.20 10.75 -26.30
CA THR A 344 -16.23 11.78 -26.45
C THR A 344 -15.78 13.01 -27.27
N SER A 345 -14.49 13.33 -27.25
CA SER A 345 -13.96 14.44 -28.05
C SER A 345 -13.49 14.00 -29.45
N ASN A 346 -13.89 12.80 -29.87
CA ASN A 346 -13.57 12.26 -31.21
C ASN A 346 -12.10 11.89 -31.42
N LYS A 347 -11.34 11.72 -30.34
CA LYS A 347 -9.99 11.21 -30.46
C LYS A 347 -10.09 9.70 -30.66
N LEU A 348 -9.37 9.19 -31.65
CA LEU A 348 -9.32 7.74 -31.86
C LEU A 348 -8.65 7.03 -30.70
N ILE A 349 -9.37 6.06 -30.14
N ILE A 349 -9.35 6.06 -30.12
CA ILE A 349 -8.91 5.26 -29.02
CA ILE A 349 -8.79 5.27 -29.03
C ILE A 349 -8.34 3.91 -29.47
C ILE A 349 -8.29 3.90 -29.48
N ASP A 350 -9.00 3.27 -30.43
CA ASP A 350 -8.67 1.93 -30.86
C ASP A 350 -9.28 1.66 -32.24
N ILE A 351 -8.76 0.63 -32.89
CA ILE A 351 -9.29 0.12 -34.17
C ILE A 351 -9.51 -1.38 -34.03
N VAL A 352 -10.67 -1.83 -34.47
CA VAL A 352 -11.03 -3.23 -34.30
C VAL A 352 -11.59 -3.80 -35.61
N THR A 353 -11.49 -5.10 -35.75
CA THR A 353 -11.99 -5.81 -36.91
C THR A 353 -12.95 -6.89 -36.47
N THR A 354 -14.14 -6.99 -37.08
CA THR A 354 -15.11 -7.99 -36.63
C THR A 354 -14.69 -9.41 -37.03
N ASN A 355 -15.05 -10.39 -36.20
CA ASN A 355 -14.68 -11.79 -36.44
C ASN A 355 -15.80 -12.59 -37.11
N LYS A 356 -15.59 -13.89 -37.28
CA LYS A 356 -16.60 -14.77 -37.89
C LYS A 356 -18.00 -14.57 -37.34
N ASN A 357 -18.08 -14.35 -36.03
CA ASN A 357 -19.36 -14.25 -35.33
C ASN A 357 -19.88 -12.80 -35.21
N GLY A 358 -19.24 -11.86 -35.90
CA GLY A 358 -19.73 -10.48 -35.97
C GLY A 358 -19.19 -9.55 -34.90
N TYR A 359 -18.40 -10.10 -33.98
CA TYR A 359 -18.06 -9.42 -32.72
C TYR A 359 -16.71 -8.74 -32.80
N ALA A 360 -16.60 -7.59 -32.12
CA ALA A 360 -15.33 -6.90 -31.92
C ALA A 360 -15.23 -6.39 -30.47
N ILE A 361 -14.01 -6.27 -29.94
CA ILE A 361 -13.82 -5.73 -28.60
C ILE A 361 -12.67 -4.72 -28.58
N SER A 362 -12.86 -3.64 -27.84
CA SER A 362 -11.87 -2.57 -27.74
C SER A 362 -10.82 -2.90 -26.69
N THR A 363 -9.73 -2.13 -26.72
CA THR A 363 -8.79 -2.06 -25.60
C THR A 363 -9.46 -1.38 -24.39
N GLN A 364 -8.73 -1.27 -23.28
CA GLN A 364 -9.33 -0.88 -22.00
C GLN A 364 -9.64 0.61 -21.90
N VAL A 365 -10.85 0.90 -21.44
CA VAL A 365 -11.38 2.25 -21.37
C VAL A 365 -11.93 2.60 -19.99
N SER A 366 -11.91 3.88 -19.65
CA SER A 366 -12.47 4.36 -18.40
C SER A 366 -13.98 4.54 -18.56
N SER A 367 -14.67 4.78 -17.46
CA SER A 367 -16.09 5.11 -17.54
C SER A 367 -16.23 6.34 -18.42
N GLY A 368 -17.28 6.38 -19.24
CA GLY A 368 -17.50 7.52 -20.12
C GLY A 368 -18.31 7.19 -21.35
N LYS A 369 -18.44 8.17 -22.23
CA LYS A 369 -19.19 8.02 -23.48
C LYS A 369 -18.21 7.83 -24.64
N TYR A 370 -18.52 6.89 -25.53
CA TYR A 370 -17.66 6.58 -26.67
C TYR A 370 -18.45 6.50 -27.96
N LYS A 371 -17.72 6.49 -29.07
CA LYS A 371 -18.32 6.49 -30.39
C LYS A 371 -17.69 5.39 -31.23
N ILE A 372 -18.54 4.69 -31.98
CA ILE A 372 -18.13 3.61 -32.82
C ILE A 372 -18.52 4.02 -34.20
N LYS A 373 -17.56 4.00 -35.10
CA LYS A 373 -17.78 4.45 -36.47
C LYS A 373 -17.00 3.56 -37.42
N GLU A 374 -17.65 3.14 -38.51
CA GLU A 374 -17.04 2.19 -39.44
C GLU A 374 -15.99 2.87 -40.30
N LEU A 375 -14.85 2.20 -40.47
CA LEU A 375 -13.77 2.63 -41.34
C LEU A 375 -13.81 1.87 -42.66
N LYS A 376 -14.18 0.58 -42.61
CA LYS A 376 -14.25 -0.25 -43.79
C LYS A 376 -15.36 -1.27 -43.68
N ALA A 377 -16.26 -1.23 -44.68
CA ALA A 377 -17.37 -2.17 -44.72
C ALA A 377 -16.87 -3.61 -44.92
N PRO A 378 -17.65 -4.58 -44.44
CA PRO A 378 -17.37 -5.94 -44.88
C PRO A 378 -17.58 -6.05 -46.41
N LYS A 379 -16.78 -6.88 -47.08
CA LYS A 379 -16.90 -7.07 -48.53
C LYS A 379 -18.35 -7.44 -48.86
N GLY A 380 -18.89 -6.79 -49.89
CA GLY A 380 -20.29 -7.00 -50.29
C GLY A 380 -21.27 -6.03 -49.64
N TYR A 381 -20.76 -5.09 -48.84
CA TYR A 381 -21.62 -4.14 -48.11
C TYR A 381 -21.21 -2.71 -48.35
N SER A 382 -22.18 -1.81 -48.29
CA SER A 382 -21.90 -0.39 -48.34
C SER A 382 -21.45 0.05 -46.94
N LEU A 383 -20.58 1.04 -46.91
CA LEU A 383 -20.09 1.61 -45.67
C LEU A 383 -21.23 2.25 -44.86
N ASN A 384 -21.33 1.86 -43.59
CA ASN A 384 -22.26 2.53 -42.67
C ASN A 384 -21.61 3.80 -42.16
N THR A 385 -22.20 4.95 -42.51
CA THR A 385 -21.61 6.26 -42.20
C THR A 385 -22.10 6.84 -40.88
N GLU A 386 -22.91 6.08 -40.16
CA GLU A 386 -23.51 6.54 -38.92
C GLU A 386 -22.57 6.32 -37.75
N THR A 387 -22.56 7.25 -36.82
CA THR A 387 -21.83 7.08 -35.57
C THR A 387 -22.74 6.42 -34.53
N TYR A 388 -22.23 5.41 -33.85
CA TYR A 388 -22.98 4.73 -32.79
C TYR A 388 -22.37 5.08 -31.44
N GLU A 389 -23.20 5.63 -30.56
CA GLU A 389 -22.75 6.00 -29.23
C GLU A 389 -23.00 4.88 -28.23
N ILE A 390 -22.15 4.84 -27.22
CA ILE A 390 -22.27 3.87 -26.15
C ILE A 390 -21.63 4.45 -24.90
N THR A 391 -22.30 4.23 -23.78
CA THR A 391 -21.85 4.71 -22.48
C THR A 391 -21.27 3.51 -21.75
N ALA A 392 -20.04 3.66 -21.24
CA ALA A 392 -19.37 2.61 -20.50
C ALA A 392 -19.25 2.97 -19.03
N ASN A 393 -19.70 2.08 -18.16
CA ASN A 393 -19.50 2.20 -16.71
C ASN A 393 -19.80 0.89 -15.98
N TRP A 394 -19.65 0.90 -14.66
CA TRP A 394 -19.87 -0.31 -13.87
C TRP A 394 -21.26 -0.87 -14.17
N VAL A 395 -22.26 0.01 -14.22
CA VAL A 395 -23.66 -0.36 -14.46
C VAL A 395 -23.89 -0.93 -15.87
N THR A 396 -23.31 -0.34 -16.91
CA THR A 396 -23.48 -0.85 -18.28
C THR A 396 -22.54 -2.02 -18.64
N ALA A 397 -21.48 -2.26 -17.86
CA ALA A 397 -20.53 -3.34 -18.17
C ALA A 397 -20.97 -4.69 -17.61
N THR A 398 -22.12 -5.17 -18.07
CA THR A 398 -22.76 -6.35 -17.52
C THR A 398 -22.39 -7.62 -18.26
N VAL A 399 -21.62 -7.50 -19.34
CA VAL A 399 -21.27 -8.65 -20.13
C VAL A 399 -19.92 -9.23 -19.72
N LYS A 400 -19.89 -10.55 -19.63
CA LYS A 400 -18.67 -11.28 -19.38
C LYS A 400 -18.30 -12.02 -20.66
N THR A 401 -17.06 -11.81 -21.10
CA THR A 401 -16.57 -12.43 -22.30
C THR A 401 -15.49 -13.46 -21.95
N SER A 402 -15.35 -14.47 -22.79
CA SER A 402 -14.30 -15.46 -22.62
C SER A 402 -13.00 -15.04 -23.33
N ALA A 403 -12.86 -13.76 -23.66
CA ALA A 403 -11.70 -13.26 -24.43
C ALA A 403 -10.46 -13.12 -23.58
N LYS A 406 -6.14 -8.35 -25.30
CA LYS A 406 -5.46 -7.80 -26.48
C LYS A 406 -4.05 -7.32 -26.14
N SER A 407 -3.18 -7.33 -27.16
CA SER A 407 -1.94 -6.57 -27.12
C SER A 407 -1.87 -5.85 -28.46
N THR A 408 -2.11 -4.54 -28.46
CA THR A 408 -2.11 -3.75 -29.69
C THR A 408 -0.72 -3.70 -30.29
N THR A 409 -0.68 -3.67 -31.62
CA THR A 409 0.55 -3.51 -32.37
C THR A 409 0.67 -2.08 -32.88
N TYR A 410 1.69 -1.37 -32.39
CA TYR A 410 1.92 0.01 -32.76
C TYR A 410 3.06 0.13 -33.75
N THR A 411 3.05 1.25 -34.47
CA THR A 411 4.20 1.69 -35.25
C THR A 411 4.35 3.16 -34.97
N SER A 412 5.55 3.69 -35.12
CA SER A 412 5.79 5.13 -35.07
C SER A 412 5.86 5.73 -36.47
N ASP A 413 5.68 4.88 -37.48
CA ASP A 413 5.69 5.31 -38.86
C ASP A 413 4.26 5.63 -39.33
N LYS A 414 3.95 6.91 -39.45
CA LYS A 414 2.61 7.35 -39.86
C LYS A 414 2.11 6.64 -41.13
N ASN A 415 3.00 6.40 -42.09
CA ASN A 415 2.63 5.77 -43.35
C ASN A 415 2.29 4.29 -43.23
N LYS A 416 2.60 3.67 -42.09
CA LYS A 416 2.24 2.28 -41.83
C LYS A 416 1.00 2.12 -40.94
N ALA A 417 0.33 3.22 -40.65
CA ALA A 417 -0.94 3.19 -39.92
C ALA A 417 -2.01 2.52 -40.79
N THR A 418 -2.75 1.57 -40.20
CA THR A 418 -3.90 0.96 -40.87
C THR A 418 -4.93 2.01 -41.20
N ASP A 419 -5.59 1.86 -42.36
CA ASP A 419 -6.71 2.72 -42.77
C ASP A 419 -6.35 4.21 -42.78
N ASN A 420 -5.08 4.51 -43.09
CA ASN A 420 -4.53 5.88 -43.01
C ASN A 420 -4.95 6.61 -41.73
N SER A 421 -4.90 5.88 -40.60
CA SER A 421 -5.50 6.32 -39.35
C SER A 421 -4.65 7.33 -38.59
N GLU A 422 -5.30 8.05 -37.69
CA GLU A 422 -4.63 9.06 -36.90
C GLU A 422 -3.81 8.45 -35.75
N GLN A 423 -3.00 9.31 -35.18
CA GLN A 423 -2.21 8.99 -34.01
C GLN A 423 -3.13 8.63 -32.84
N VAL A 424 -2.79 7.56 -32.14
CA VAL A 424 -3.57 7.12 -30.98
C VAL A 424 -2.87 7.39 -29.63
N GLY A 425 -1.55 7.57 -29.65
CA GLY A 425 -0.84 7.96 -28.46
C GLY A 425 0.64 8.15 -28.69
N TRP A 426 1.42 7.80 -27.69
CA TRP A 426 2.87 7.99 -27.68
C TRP A 426 3.62 6.76 -27.18
N LEU A 427 4.85 6.60 -27.65
CA LEU A 427 5.73 5.52 -27.23
C LEU A 427 6.99 6.10 -26.64
N LYS A 428 7.37 5.63 -25.45
CA LYS A 428 8.63 6.03 -24.82
C LYS A 428 9.27 4.82 -24.15
N ASN A 429 10.46 4.45 -24.61
CA ASN A 429 11.17 3.25 -24.10
C ASN A 429 10.29 2.01 -24.07
N GLY A 430 9.61 1.75 -25.17
CA GLY A 430 8.71 0.59 -25.26
C GLY A 430 7.30 0.73 -24.68
N ILE A 431 7.06 1.76 -23.88
CA ILE A 431 5.79 1.87 -23.14
C ILE A 431 4.80 2.76 -23.89
N PHE A 432 3.54 2.32 -23.98
CA PHE A 432 2.47 3.09 -24.59
C PHE A 432 1.84 4.11 -23.61
N TYR A 433 1.72 5.35 -24.08
CA TYR A 433 1.04 6.41 -23.36
C TYR A 433 -0.05 6.96 -24.23
N SER A 434 -1.16 7.28 -23.60
CA SER A 434 -2.28 7.91 -24.29
C SER A 434 -1.91 9.35 -24.63
N ILE A 435 -2.70 9.95 -25.50
CA ILE A 435 -2.53 11.35 -25.88
C ILE A 435 -2.53 12.25 -24.65
N ASP A 436 -3.47 12.01 -23.73
CA ASP A 436 -3.58 12.84 -22.53
C ASP A 436 -2.48 12.60 -21.48
N SER A 437 -1.73 11.51 -21.64
CA SER A 437 -0.60 11.24 -20.77
C SER A 437 0.73 11.36 -21.53
N ARG A 438 0.79 12.27 -22.51
CA ARG A 438 2.02 12.51 -23.28
C ARG A 438 3.20 12.80 -22.34
N PRO A 439 4.23 11.91 -22.34
CA PRO A 439 5.34 12.09 -21.42
C PRO A 439 6.41 13.01 -21.99
N THR A 440 7.33 13.41 -21.12
CA THR A 440 8.44 14.27 -21.53
C THR A 440 9.61 13.43 -22.05
N GLY A 441 10.55 14.09 -22.74
CA GLY A 441 11.74 13.41 -23.28
C GLY A 441 11.89 13.74 -24.75
N ASN A 442 13.11 13.62 -25.29
CA ASN A 442 13.36 13.97 -26.69
C ASN A 442 13.23 12.73 -27.60
N ASP A 443 12.94 11.57 -26.99
CA ASP A 443 12.76 10.33 -27.74
C ASP A 443 11.35 9.79 -27.49
N VAL A 444 10.35 10.68 -27.53
CA VAL A 444 8.96 10.30 -27.37
C VAL A 444 8.39 10.25 -28.78
N LYS A 445 8.00 9.06 -29.21
CA LYS A 445 7.61 8.82 -30.60
C LYS A 445 6.08 8.75 -30.72
N GLU A 446 5.55 9.21 -31.85
CA GLU A 446 4.11 9.08 -32.12
C GLU A 446 3.78 7.60 -32.24
N ALA A 447 2.63 7.20 -31.67
CA ALA A 447 2.16 5.82 -31.78
C ALA A 447 0.94 5.77 -32.70
N TYR A 448 1.05 4.93 -33.74
CA TYR A 448 -0.07 4.57 -34.63
C TYR A 448 -0.35 3.09 -34.48
N ILE A 449 -1.61 2.70 -34.73
CA ILE A 449 -1.97 1.30 -34.77
C ILE A 449 -1.57 0.79 -36.16
N GLU A 450 -0.69 -0.21 -36.19
CA GLU A 450 -0.13 -0.73 -37.45
C GLU A 450 -1.00 -1.83 -38.04
N SER A 451 -1.58 -2.65 -37.18
CA SER A 451 -2.46 -3.74 -37.63
C SER A 451 -3.44 -4.11 -36.52
N THR A 452 -4.51 -4.79 -36.89
CA THR A 452 -5.49 -5.29 -35.92
C THR A 452 -5.79 -6.76 -36.16
N LYS A 453 -5.79 -7.53 -35.07
CA LYS A 453 -6.19 -8.94 -35.10
C LYS A 453 -7.63 -9.05 -34.62
N ALA A 454 -8.46 -9.75 -35.38
CA ALA A 454 -9.81 -10.03 -34.93
C ALA A 454 -9.78 -10.92 -33.69
N LEU A 455 -10.90 -10.86 -32.96
CA LEU A 455 -11.10 -11.67 -31.79
C LEU A 455 -11.25 -13.12 -32.26
N THR A 456 -10.71 -14.05 -31.49
CA THR A 456 -10.79 -15.47 -31.83
C THR A 456 -12.24 -15.90 -32.09
N ASP A 457 -12.44 -16.61 -33.18
CA ASP A 457 -13.76 -17.17 -33.48
C ASP A 457 -14.18 -18.06 -32.30
N GLY A 458 -15.47 -18.03 -31.95
CA GLY A 458 -15.99 -18.81 -30.83
C GLY A 458 -15.79 -18.19 -29.45
N THR A 459 -15.36 -16.93 -29.41
CA THR A 459 -15.36 -16.16 -28.18
C THR A 459 -16.81 -15.89 -27.82
N THR A 460 -17.18 -16.14 -26.56
CA THR A 460 -18.58 -15.96 -26.17
C THR A 460 -18.76 -14.66 -25.43
N PHE A 461 -20.02 -14.22 -25.39
CA PHE A 461 -20.46 -13.02 -24.72
C PHE A 461 -21.73 -13.39 -23.95
N SER A 462 -21.65 -13.42 -22.62
CA SER A 462 -22.84 -13.73 -21.83
C SER A 462 -23.25 -12.56 -20.95
N LYS A 463 -24.54 -12.24 -20.94
CA LYS A 463 -25.09 -11.22 -20.07
C LYS A 463 -24.98 -11.72 -18.64
N SER A 464 -24.58 -10.85 -17.73
CA SER A 464 -24.20 -11.28 -16.37
C SER A 464 -24.28 -10.09 -15.39
N ASN A 465 -23.47 -10.09 -14.34
CA ASN A 465 -23.59 -9.08 -13.30
C ASN A 465 -22.82 -7.79 -13.63
N GLU A 466 -23.26 -6.69 -13.00
CA GLU A 466 -22.53 -5.41 -12.99
C GLU A 466 -21.04 -5.66 -12.73
N GLY A 467 -20.17 -4.92 -13.40
CA GLY A 467 -18.73 -5.14 -13.28
C GLY A 467 -18.18 -6.41 -13.90
N SER A 468 -18.96 -7.08 -14.75
CA SER A 468 -18.39 -8.22 -15.49
C SER A 468 -17.23 -7.76 -16.40
N GLY A 469 -17.30 -6.52 -16.87
CA GLY A 469 -16.18 -5.89 -17.56
C GLY A 469 -16.46 -5.42 -18.98
N THR A 470 -17.38 -6.07 -19.68
CA THR A 470 -17.67 -5.71 -21.06
C THR A 470 -19.00 -4.98 -21.21
N VAL A 471 -18.95 -3.88 -21.96
CA VAL A 471 -20.12 -3.11 -22.30
C VAL A 471 -20.45 -3.44 -23.75
N LEU A 472 -21.49 -4.26 -23.97
CA LEU A 472 -21.91 -4.67 -25.33
C LEU A 472 -23.01 -3.77 -25.88
N LEU A 473 -22.80 -3.22 -27.07
CA LEU A 473 -23.80 -2.32 -27.66
C LEU A 473 -25.19 -2.97 -27.69
N GLU A 474 -26.23 -2.23 -27.28
CA GLU A 474 -27.60 -2.78 -27.14
C GLU A 474 -28.15 -3.34 -28.44
N THR A 475 -28.00 -2.55 -29.51
CA THR A 475 -28.48 -2.93 -30.83
C THR A 475 -27.25 -3.29 -31.67
N ASP A 476 -27.31 -4.39 -32.43
CA ASP A 476 -26.23 -4.71 -33.37
C ASP A 476 -26.13 -3.63 -34.42
N ILE A 477 -24.97 -3.51 -35.04
CA ILE A 477 -24.73 -2.50 -36.06
C ILE A 477 -25.07 -3.09 -37.43
N PRO A 478 -26.01 -2.45 -38.15
CA PRO A 478 -26.36 -2.95 -39.49
C PRO A 478 -25.40 -2.50 -40.59
N ASN A 479 -25.31 -3.34 -41.60
CA ASN A 479 -24.71 -2.99 -42.88
C ASN A 479 -25.71 -3.33 -43.97
N THR A 480 -25.79 -2.46 -44.99
CA THR A 480 -26.65 -2.70 -46.12
C THR A 480 -25.87 -3.36 -47.26
N LYS A 481 -26.35 -4.55 -47.65
CA LYS A 481 -25.76 -5.36 -48.68
C LYS A 481 -25.81 -4.59 -49.99
N LEU A 482 -24.73 -4.67 -50.71
CA LEU A 482 -24.63 -4.09 -52.02
C LEU A 482 -25.53 -4.84 -52.95
N GLY A 483 -25.07 -6.02 -53.25
CA GLY A 483 -25.72 -6.94 -54.18
C GLY A 483 -25.58 -6.53 -55.64
I IOD B . 10.10 1.89 22.74
I IOD C . 5.07 7.23 -15.92
I IOD D . -20.67 7.49 -17.70
CA CA E . -8.24 -4.97 34.51
#